data_9OU9
#
_entry.id   9OU9
#
_cell.length_a   145.817
_cell.length_b   145.817
_cell.length_c   145.817
_cell.angle_alpha   90.000
_cell.angle_beta   90.000
_cell.angle_gamma   90.000
#
_symmetry.space_group_name_H-M   'I 2 3'
#
loop_
_entity.id
_entity.type
_entity.pdbx_description
1 polymer 'Epidermal growth factor receptor'
2 non-polymer '4-(3-chloro-2-fluoroanilino)-7-methoxyquinazolin-6-yl (2R)-2,4-dimethylpiperazine-1-carboxylate'
3 water water
#
_entity_poly.entity_id   1
_entity_poly.type   'polypeptide(L)'
_entity_poly.pdbx_seq_one_letter_code
;GEAPNQALLRILKETEFKKIKVLGSGAFGTVYKGLWIPEGEKVKIPVAIKELREATSPKANKEILDEAYVMASVDNPHVC
RLLGICLTSTVQLITQLMPFGCLLDYVREHKDNIGSQYLLNWCVQIAKGMNYLEDRRLVHRDLAARNVLVKTPQHVKITD
FGLAKLLGAEEKEYHAEGGKVPIKWMALESILHRIYTHQSDVWSYGVTVWELMTFGSKPYDGIPASEISSILEKGERLPQ
PPICTIDVYMIMVKCWMIDADSRPKFRELIIEFSKMARDPQRYLVIQGDERMHLPSPTDSNFYRALMDEEDMDDVVDADE
YLIPQQG
;
_entity_poly.pdbx_strand_id   A
#
loop_
_chem_comp.id
_chem_comp.type
_chem_comp.name
_chem_comp.formula
A1CEL non-polymer '4-(3-chloro-2-fluoroanilino)-7-methoxyquinazolin-6-yl (2R)-2,4-dimethylpiperazine-1-carboxylate' 'C22 H23 Cl F N5 O3'
#
# COMPACT_ATOMS: atom_id res chain seq x y z
N GLU A 2 -14.50 -6.67 -18.89
CA GLU A 2 -15.69 -7.08 -19.67
C GLU A 2 -16.98 -6.84 -18.82
N ALA A 3 -16.91 -6.99 -17.50
CA ALA A 3 -18.09 -6.70 -16.65
C ALA A 3 -18.26 -5.19 -16.43
N PRO A 4 -19.50 -4.66 -16.41
CA PRO A 4 -19.70 -3.21 -16.26
C PRO A 4 -19.27 -2.74 -14.88
N ASN A 5 -18.64 -1.58 -14.82
CA ASN A 5 -18.18 -1.02 -13.55
C ASN A 5 -19.27 -0.12 -12.97
N GLN A 6 -20.10 -0.67 -12.09
CA GLN A 6 -21.22 0.05 -11.51
C GLN A 6 -20.87 0.75 -10.22
N ALA A 7 -19.58 0.99 -9.95
CA ALA A 7 -19.23 1.78 -8.78
C ALA A 7 -19.88 3.16 -8.83
N LEU A 8 -20.24 3.68 -7.66
CA LEU A 8 -20.84 5.00 -7.55
C LEU A 8 -19.76 6.04 -7.29
N LEU A 9 -19.77 7.12 -8.07
CA LEU A 9 -18.91 8.28 -7.84
C LEU A 9 -19.72 9.32 -7.09
N ARG A 10 -19.35 9.60 -5.85
CA ARG A 10 -20.11 10.53 -5.02
C ARG A 10 -19.49 11.93 -5.15
N ILE A 11 -20.32 12.90 -5.52
CA ILE A 11 -19.88 14.32 -5.59
C ILE A 11 -20.27 14.97 -4.26
N LEU A 12 -19.28 15.46 -3.53
CA LEU A 12 -19.56 15.99 -2.18
C LEU A 12 -19.52 17.51 -2.13
N LYS A 13 -20.56 18.10 -1.54
CA LYS A 13 -20.59 19.55 -1.34
C LYS A 13 -19.44 19.97 -0.43
N GLU A 14 -18.76 21.05 -0.78
CA GLU A 14 -17.62 21.58 0.01
C GLU A 14 -18.07 22.02 1.40
N THR A 15 -19.36 22.35 1.54
CA THR A 15 -19.87 22.75 2.84
C THR A 15 -20.00 21.60 3.83
N GLU A 16 -19.78 20.37 3.39
CA GLU A 16 -19.84 19.21 4.32
C GLU A 16 -18.45 18.88 4.90
N PHE A 17 -17.45 19.74 4.70
CA PHE A 17 -16.07 19.41 5.14
C PHE A 17 -15.55 20.49 6.10
N LYS A 18 -15.09 20.09 7.26
CA LYS A 18 -14.71 21.11 8.23
C LYS A 18 -13.34 20.77 8.77
N LYS A 19 -12.85 21.53 9.76
CA LYS A 19 -11.55 21.27 10.47
C LYS A 19 -10.40 20.87 9.52
N ILE A 20 -10.31 21.50 8.36
CA ILE A 20 -9.28 21.10 7.39
C ILE A 20 -7.91 21.58 7.90
N LYS A 21 -6.94 20.66 8.05
CA LYS A 21 -5.56 21.01 8.48
C LYS A 21 -4.56 20.27 7.56
N VAL A 22 -3.33 20.75 7.42
CA VAL A 22 -2.38 20.17 6.41
C VAL A 22 -1.56 19.00 6.97
N LEU A 23 -1.36 17.97 6.17
CA LEU A 23 -0.55 16.80 6.58
C LEU A 23 0.78 16.80 5.80
N GLY A 24 0.76 17.24 4.53
CA GLY A 24 1.98 17.25 3.71
C GLY A 24 1.73 17.86 2.36
N SER A 25 2.80 18.12 1.60
CA SER A 25 2.69 18.73 0.25
C SER A 25 3.75 18.17 -0.72
N THR A 30 -1.33 18.88 -2.33
CA THR A 30 -1.38 18.94 -0.87
C THR A 30 -2.34 17.89 -0.36
N VAL A 31 -2.04 17.27 0.78
CA VAL A 31 -2.97 16.31 1.44
C VAL A 31 -3.32 16.90 2.80
N TYR A 32 -4.61 16.94 3.12
CA TYR A 32 -5.06 17.50 4.42
C TYR A 32 -5.92 16.53 5.16
N LYS A 33 -6.02 16.69 6.47
CA LYS A 33 -7.00 15.95 7.24
C LYS A 33 -8.19 16.86 7.55
N GLY A 34 -9.31 16.24 7.86
CA GLY A 34 -10.50 17.01 8.15
C GLY A 34 -11.64 16.12 8.61
N LEU A 35 -12.83 16.72 8.68
CA LEU A 35 -14.04 16.03 9.08
C LEU A 35 -15.09 16.20 8.00
N TRP A 36 -15.73 15.10 7.63
CA TRP A 36 -16.82 15.11 6.66
C TRP A 36 -18.11 14.87 7.44
N ILE A 37 -19.04 15.80 7.33
CA ILE A 37 -20.35 15.64 7.99
C ILE A 37 -21.40 15.55 6.90
N PRO A 38 -21.77 14.35 6.41
CA PRO A 38 -22.83 14.21 5.38
C PRO A 38 -24.06 14.95 5.87
N GLU A 39 -24.66 15.80 5.02
CA GLU A 39 -25.83 16.61 5.42
C GLU A 39 -26.98 15.70 5.85
N GLY A 40 -27.67 16.04 6.93
CA GLY A 40 -28.84 15.25 7.32
C GLY A 40 -28.48 13.80 7.55
N GLU A 41 -27.41 13.52 8.32
CA GLU A 41 -26.95 12.12 8.57
C GLU A 41 -26.50 11.97 10.04
N LYS A 42 -26.19 13.05 10.73
CA LYS A 42 -25.82 13.00 12.18
C LYS A 42 -24.58 12.14 12.40
N VAL A 43 -23.57 12.31 11.56
CA VAL A 43 -22.32 11.52 11.68
C VAL A 43 -21.14 12.44 11.30
N LYS A 44 -20.02 12.29 11.97
CA LYS A 44 -18.78 13.03 11.60
C LYS A 44 -17.74 11.99 11.16
N ILE A 45 -17.14 12.17 10.00
CA ILE A 45 -16.26 11.14 9.44
C ILE A 45 -14.86 11.71 9.23
N PRO A 46 -13.84 11.22 9.96
CA PRO A 46 -12.48 11.70 9.75
C PRO A 46 -11.98 11.32 8.35
N VAL A 47 -11.46 12.31 7.62
CA VAL A 47 -11.06 12.13 6.22
C VAL A 47 -9.69 12.72 5.95
N ALA A 48 -9.06 12.23 4.90
CA ALA A 48 -7.98 12.91 4.21
C ALA A 48 -8.52 13.45 2.89
N ILE A 49 -7.94 14.57 2.45
CA ILE A 49 -8.35 15.27 1.24
C ILE A 49 -7.10 15.52 0.42
N LYS A 50 -7.10 15.04 -0.82
CA LYS A 50 -5.95 15.19 -1.70
C LYS A 50 -6.30 16.16 -2.81
N GLU A 51 -5.55 17.27 -2.88
CA GLU A 51 -5.62 18.31 -3.90
C GLU A 51 -4.50 18.10 -4.93
N ASN A 61 -5.41 17.22 -14.26
CA ASN A 61 -6.77 16.90 -13.76
C ASN A 61 -7.15 15.52 -14.31
N LYS A 62 -6.79 15.20 -15.54
CA LYS A 62 -7.09 13.84 -16.04
C LYS A 62 -6.40 12.82 -15.13
N GLU A 63 -5.27 13.17 -14.55
CA GLU A 63 -4.52 12.19 -13.74
C GLU A 63 -5.24 11.96 -12.40
N ILE A 64 -5.59 13.04 -11.71
CA ILE A 64 -6.26 12.90 -10.39
C ILE A 64 -7.57 12.13 -10.61
N LEU A 65 -8.23 12.37 -11.75
CA LEU A 65 -9.51 11.71 -11.96
C LEU A 65 -9.33 10.24 -12.38
N ASP A 66 -8.23 9.91 -13.06
CA ASP A 66 -7.90 8.51 -13.25
C ASP A 66 -7.67 7.82 -11.91
N GLU A 67 -7.01 8.52 -10.98
CA GLU A 67 -6.84 7.98 -9.65
C GLU A 67 -8.18 7.79 -8.97
N ALA A 68 -9.06 8.80 -9.07
CA ALA A 68 -10.37 8.70 -8.44
C ALA A 68 -11.17 7.55 -9.00
N TYR A 69 -11.08 7.32 -10.31
CA TYR A 69 -11.78 6.20 -10.95
C TYR A 69 -11.41 4.87 -10.30
N VAL A 70 -10.12 4.58 -10.15
CA VAL A 70 -9.71 3.26 -9.58
C VAL A 70 -10.12 3.18 -8.08
N MET A 71 -9.90 4.25 -7.33
CA MET A 71 -10.18 4.24 -5.86
C MET A 71 -11.67 4.09 -5.58
N ALA A 72 -12.52 4.55 -6.51
CA ALA A 72 -13.96 4.38 -6.31
C ALA A 72 -14.37 2.96 -6.69
N SER A 73 -13.50 2.25 -7.40
CA SER A 73 -13.88 0.94 -7.90
C SER A 73 -13.36 -0.21 -7.05
N VAL A 74 -12.77 0.07 -5.89
CA VAL A 74 -12.27 -1.00 -5.05
C VAL A 74 -13.02 -0.99 -3.73
N ASP A 75 -13.13 -2.17 -3.12
CA ASP A 75 -13.82 -2.30 -1.83
C ASP A 75 -13.28 -3.56 -1.16
N ASN A 76 -12.32 -3.39 -0.27
CA ASN A 76 -11.68 -4.52 0.45
C ASN A 76 -11.05 -3.97 1.72
N PRO A 77 -11.05 -4.70 2.87
CA PRO A 77 -10.47 -4.24 4.15
C PRO A 77 -9.00 -3.82 4.02
N HIS A 78 -8.30 -4.29 2.99
CA HIS A 78 -6.84 -4.01 2.89
C HIS A 78 -6.53 -3.06 1.72
N VAL A 79 -7.54 -2.34 1.25
CA VAL A 79 -7.32 -1.32 0.17
C VAL A 79 -8.11 -0.05 0.55
N CYS A 80 -7.55 1.11 0.30
CA CYS A 80 -8.21 2.40 0.62
C CYS A 80 -9.21 2.75 -0.50
N ARG A 81 -10.45 3.07 -0.14
CA ARG A 81 -11.51 3.38 -1.14
C ARG A 81 -11.82 4.89 -1.17
N LEU A 82 -12.28 5.39 -2.31
CA LEU A 82 -12.66 6.81 -2.42
C LEU A 82 -14.06 7.05 -1.83
N LEU A 83 -14.14 7.96 -0.87
CA LEU A 83 -15.45 8.37 -0.36
C LEU A 83 -16.20 9.25 -1.36
N GLY A 84 -15.51 10.19 -2.01
CA GLY A 84 -16.12 11.00 -3.05
C GLY A 84 -15.12 12.01 -3.54
N ILE A 85 -15.58 12.89 -4.43
CA ILE A 85 -14.75 14.01 -4.88
C ILE A 85 -15.49 15.32 -4.61
N CYS A 86 -14.72 16.39 -4.46
CA CYS A 86 -15.26 17.73 -4.36
C CYS A 86 -14.73 18.53 -5.53
N LEU A 87 -15.63 19.19 -6.27
CA LEU A 87 -15.30 19.92 -7.51
C LEU A 87 -15.55 21.39 -7.27
N THR A 88 -14.68 22.06 -6.54
CA THR A 88 -14.80 23.51 -6.44
C THR A 88 -13.65 24.12 -7.23
N SER A 89 -12.82 24.93 -6.58
CA SER A 89 -11.67 25.51 -7.28
C SER A 89 -10.76 24.41 -7.82
N THR A 90 -10.58 23.36 -7.02
CA THR A 90 -9.65 22.29 -7.41
C THR A 90 -10.38 20.97 -7.40
N VAL A 91 -9.78 19.92 -7.97
CA VAL A 91 -10.36 18.55 -7.88
C VAL A 91 -9.77 17.92 -6.61
N GLN A 92 -10.60 17.68 -5.61
CA GLN A 92 -10.16 17.08 -4.35
C GLN A 92 -10.72 15.67 -4.22
N LEU A 93 -9.87 14.72 -3.84
CA LEU A 93 -10.26 13.36 -3.52
C LEU A 93 -10.42 13.22 -2.02
N ILE A 94 -11.57 12.69 -1.61
CA ILE A 94 -11.88 12.52 -0.16
C ILE A 94 -11.87 11.03 0.17
N THR A 95 -11.18 10.66 1.23
CA THR A 95 -11.01 9.25 1.58
C THR A 95 -10.91 9.13 3.11
N GLN A 96 -11.10 7.90 3.60
CA GLN A 96 -10.93 7.63 5.02
C GLN A 96 -9.56 8.09 5.52
N LEU A 97 -9.56 8.80 6.65
CA LEU A 97 -8.30 9.22 7.26
C LEU A 97 -7.57 8.02 7.80
N MET A 98 -6.29 7.88 7.46
CA MET A 98 -5.50 6.78 8.01
C MET A 98 -4.55 7.36 9.05
N PRO A 99 -4.96 7.44 10.32
CA PRO A 99 -4.38 8.43 11.25
C PRO A 99 -2.89 8.24 11.51
N PHE A 100 -2.35 7.04 11.36
CA PHE A 100 -0.93 6.83 11.66
C PHE A 100 -0.02 7.07 10.48
N GLY A 101 -0.56 7.49 9.34
CA GLY A 101 0.29 7.85 8.20
C GLY A 101 0.80 6.63 7.46
N CYS A 102 1.82 6.86 6.64
CA CYS A 102 2.36 5.78 5.77
C CYS A 102 3.18 4.78 6.58
N LEU A 103 3.21 3.54 6.12
CA LEU A 103 3.91 2.50 6.85
C LEU A 103 5.43 2.70 6.80
N LEU A 104 5.97 3.33 5.74
CA LEU A 104 7.41 3.57 5.72
C LEU A 104 7.85 4.47 6.87
N ASP A 105 7.17 5.60 7.05
CA ASP A 105 7.52 6.51 8.17
C ASP A 105 7.24 5.81 9.49
N TYR A 106 6.21 4.98 9.56
CA TYR A 106 5.84 4.31 10.83
C TYR A 106 6.96 3.37 11.25
N VAL A 107 7.44 2.55 10.33
CA VAL A 107 8.48 1.55 10.68
C VAL A 107 9.74 2.32 11.12
N ARG A 108 10.02 3.45 10.49
CA ARG A 108 11.28 4.18 10.80
C ARG A 108 11.18 4.78 12.22
N GLU A 109 10.02 5.30 12.60
CA GLU A 109 9.90 5.99 13.90
C GLU A 109 9.78 4.99 15.05
N HIS A 110 9.11 3.86 14.83
CA HIS A 110 8.86 2.91 15.94
C HIS A 110 9.75 1.68 15.77
N LYS A 111 10.89 1.85 15.10
CA LYS A 111 11.81 0.71 14.81
C LYS A 111 12.22 -0.06 16.07
N ASP A 112 11.89 0.43 17.26
CA ASP A 112 12.37 -0.23 18.49
C ASP A 112 11.17 -0.79 19.26
N ASN A 113 9.98 -0.61 18.71
CA ASN A 113 8.77 -1.14 19.38
C ASN A 113 8.00 -2.02 18.40
N ILE A 114 8.67 -2.44 17.32
CA ILE A 114 7.95 -3.24 16.29
C ILE A 114 8.40 -4.70 16.41
N GLY A 115 7.46 -5.57 16.75
CA GLY A 115 7.76 -6.99 16.93
C GLY A 115 7.47 -7.86 15.72
N SER A 116 7.83 -9.13 15.82
CA SER A 116 7.64 -10.13 14.73
C SER A 116 6.17 -10.25 14.32
N GLN A 117 5.25 -10.34 15.29
CA GLN A 117 3.80 -10.49 15.00
C GLN A 117 3.34 -9.34 14.10
N TYR A 118 3.77 -8.11 14.40
CA TYR A 118 3.29 -7.00 13.58
C TYR A 118 3.84 -7.08 12.17
N LEU A 119 5.15 -7.33 12.03
CA LEU A 119 5.75 -7.40 10.71
C LEU A 119 5.10 -8.49 9.87
N LEU A 120 4.95 -9.70 10.41
CA LEU A 120 4.36 -10.77 9.61
C LEU A 120 2.89 -10.48 9.31
N ASN A 121 2.13 -9.94 10.29
CA ASN A 121 0.73 -9.63 10.03
C ASN A 121 0.59 -8.60 8.91
N TRP A 122 1.45 -7.58 8.91
CA TRP A 122 1.41 -6.60 7.83
C TRP A 122 1.69 -7.24 6.48
N CYS A 123 2.57 -8.25 6.45
CA CYS A 123 2.86 -8.94 5.19
C CYS A 123 1.63 -9.68 4.68
N VAL A 124 0.90 -10.34 5.61
CA VAL A 124 -0.34 -11.02 5.26
C VAL A 124 -1.37 -10.04 4.70
N GLN A 125 -1.51 -8.89 5.36
CA GLN A 125 -2.55 -7.93 5.00
C GLN A 125 -2.26 -7.29 3.64
N ILE A 126 -1.01 -6.91 3.40
CA ILE A 126 -0.65 -6.37 2.09
C ILE A 126 -0.90 -7.41 0.99
N ALA A 127 -0.58 -8.68 1.26
CA ALA A 127 -0.84 -9.73 0.28
C ALA A 127 -2.34 -9.91 0.04
N LYS A 128 -3.15 -9.83 1.10
CA LYS A 128 -4.61 -9.87 0.91
C LYS A 128 -5.07 -8.73 0.01
N GLY A 129 -4.60 -7.50 0.29
CA GLY A 129 -4.98 -6.37 -0.54
C GLY A 129 -4.60 -6.58 -1.99
N MET A 130 -3.37 -7.06 -2.23
CA MET A 130 -2.90 -7.28 -3.59
C MET A 130 -3.62 -8.44 -4.26
N ASN A 131 -3.95 -9.50 -3.52
CA ASN A 131 -4.74 -10.57 -4.11
C ASN A 131 -6.10 -10.06 -4.55
N TYR A 132 -6.74 -9.22 -3.72
CA TYR A 132 -8.01 -8.63 -4.11
C TYR A 132 -7.86 -7.81 -5.39
N LEU A 133 -6.83 -6.96 -5.47
CA LEU A 133 -6.62 -6.21 -6.71
C LEU A 133 -6.50 -7.15 -7.90
N GLU A 134 -5.78 -8.27 -7.73
CA GLU A 134 -5.65 -9.23 -8.83
C GLU A 134 -7.02 -9.79 -9.21
N ASP A 135 -7.82 -10.18 -8.21
CA ASP A 135 -9.20 -10.57 -8.44
C ASP A 135 -9.92 -9.56 -9.31
N ARG A 136 -9.64 -8.27 -9.11
CA ARG A 136 -10.31 -7.20 -9.87
C ARG A 136 -9.53 -6.88 -11.14
N ARG A 137 -8.55 -7.72 -11.50
CA ARG A 137 -7.77 -7.51 -12.72
C ARG A 137 -7.04 -6.18 -12.71
N LEU A 138 -6.71 -5.66 -11.53
CA LEU A 138 -5.96 -4.41 -11.40
C LEU A 138 -4.49 -4.69 -11.13
N VAL A 139 -3.61 -4.06 -11.91
CA VAL A 139 -2.18 -4.02 -11.65
C VAL A 139 -1.87 -2.68 -11.02
N HIS A 140 -1.22 -2.69 -9.85
CA HIS A 140 -1.03 -1.46 -9.10
C HIS A 140 0.09 -0.62 -9.71
N ARG A 141 1.23 -1.23 -9.99
CA ARG A 141 2.40 -0.64 -10.64
C ARG A 141 3.21 0.27 -9.75
N ASP A 142 2.77 0.54 -8.52
CA ASP A 142 3.55 1.38 -7.62
C ASP A 142 3.50 0.87 -6.19
N LEU A 143 3.45 -0.45 -6.00
CA LEU A 143 3.47 -0.99 -4.65
C LEU A 143 4.80 -0.70 -3.99
N ALA A 144 4.74 -0.15 -2.78
CA ALA A 144 5.91 0.26 -2.03
C ALA A 144 5.43 0.61 -0.62
N ALA A 145 6.36 0.62 0.34
CA ALA A 145 5.94 0.91 1.72
C ALA A 145 5.42 2.34 1.86
N ARG A 146 5.85 3.25 0.99
CA ARG A 146 5.34 4.61 1.05
C ARG A 146 3.87 4.67 0.65
N ASN A 147 3.36 3.63 -0.01
CA ASN A 147 2.00 3.61 -0.52
C ASN A 147 1.09 2.65 0.24
N VAL A 148 1.50 2.26 1.45
CA VAL A 148 0.67 1.51 2.38
C VAL A 148 0.46 2.41 3.57
N LEU A 149 -0.79 2.52 4.01
CA LEU A 149 -1.15 3.44 5.12
C LEU A 149 -1.53 2.64 6.36
N VAL A 150 -1.52 3.29 7.51
CA VAL A 150 -1.75 2.64 8.80
C VAL A 150 -3.04 3.21 9.40
N LYS A 151 -4.11 2.42 9.38
CA LYS A 151 -5.34 2.82 10.08
C LYS A 151 -5.15 2.71 11.58
N THR A 152 -4.71 1.53 12.04
CA THR A 152 -4.18 1.30 13.38
C THR A 152 -2.92 0.44 13.22
N PRO A 153 -2.08 0.32 14.24
CA PRO A 153 -0.90 -0.55 14.10
C PRO A 153 -1.28 -1.97 13.75
N GLN A 154 -2.49 -2.41 14.04
CA GLN A 154 -2.99 -3.73 13.67
C GLN A 154 -3.62 -3.79 12.26
N HIS A 155 -3.77 -2.69 11.53
CA HIS A 155 -4.58 -2.72 10.30
C HIS A 155 -4.01 -1.72 9.29
N VAL A 156 -3.43 -2.22 8.20
CA VAL A 156 -2.87 -1.40 7.14
C VAL A 156 -3.65 -1.65 5.85
N LYS A 157 -3.52 -0.72 4.88
CA LYS A 157 -4.25 -0.77 3.63
C LYS A 157 -3.42 -0.16 2.50
N ILE A 158 -3.56 -0.72 1.30
CA ILE A 158 -2.83 -0.23 0.13
C ILE A 158 -3.56 0.97 -0.47
N THR A 159 -2.82 2.01 -0.88
CA THR A 159 -3.42 3.20 -1.49
C THR A 159 -2.57 3.64 -2.69
N ASP A 160 -2.83 4.86 -3.19
CA ASP A 160 -2.05 5.48 -4.31
C ASP A 160 -2.23 4.69 -5.62
N PHE A 161 -3.40 4.83 -6.25
CA PHE A 161 -3.72 4.07 -7.48
C PHE A 161 -3.55 4.94 -8.72
N GLY A 162 -2.85 6.05 -8.60
CA GLY A 162 -2.69 7.00 -9.73
C GLY A 162 -1.84 6.39 -10.81
N LEU A 163 -1.36 5.19 -10.55
CA LEU A 163 -0.54 4.49 -11.55
C LEU A 163 -1.14 3.15 -11.97
N ALA A 164 -2.27 2.75 -11.38
CA ALA A 164 -2.86 1.42 -11.65
C ALA A 164 -3.55 1.37 -13.02
N LYS A 165 -3.69 0.15 -13.55
CA LYS A 165 -4.32 -0.10 -14.87
C LYS A 165 -4.99 -1.49 -14.91
N LEU A 166 -6.01 -1.65 -15.73
CA LEU A 166 -6.70 -2.97 -15.87
C LEU A 166 -5.84 -3.99 -16.63
N VAL A 181 9.26 7.28 -12.63
CA VAL A 181 8.82 5.91 -12.44
C VAL A 181 9.75 5.20 -11.44
N PRO A 182 9.18 4.42 -10.52
CA PRO A 182 9.97 3.91 -9.38
C PRO A 182 10.85 2.71 -9.72
N ILE A 183 12.06 2.99 -10.21
CA ILE A 183 12.93 1.94 -10.74
C ILE A 183 13.28 0.91 -9.66
N LYS A 184 13.54 1.36 -8.45
CA LYS A 184 14.08 0.41 -7.48
C LYS A 184 13.04 -0.56 -6.94
N TRP A 185 11.77 -0.41 -7.33
CA TRP A 185 10.70 -1.34 -6.96
C TRP A 185 10.17 -2.18 -8.12
N MET A 186 10.73 -2.05 -9.32
CA MET A 186 10.12 -2.61 -10.53
C MET A 186 10.77 -3.94 -10.93
N ALA A 187 9.96 -4.85 -11.46
CA ALA A 187 10.49 -6.06 -12.05
C ALA A 187 11.41 -5.73 -13.22
N LEU A 188 12.46 -6.54 -13.38
CA LEU A 188 13.39 -6.32 -14.49
C LEU A 188 12.66 -6.20 -15.83
N GLU A 189 11.67 -7.05 -16.07
CA GLU A 189 10.95 -6.98 -17.34
C GLU A 189 10.18 -5.69 -17.51
N SER A 190 9.85 -4.99 -16.41
CA SER A 190 9.22 -3.68 -16.52
C SER A 190 10.24 -2.61 -16.86
N ILE A 191 11.43 -2.68 -16.27
CA ILE A 191 12.48 -1.72 -16.57
C ILE A 191 12.92 -1.84 -18.02
N LEU A 192 13.05 -3.09 -18.52
CA LEU A 192 13.57 -3.32 -19.86
C LEU A 192 12.51 -3.11 -20.95
N HIS A 193 11.30 -3.62 -20.74
CA HIS A 193 10.32 -3.72 -21.82
C HIS A 193 8.96 -3.12 -21.45
N ARG A 194 8.90 -2.33 -20.38
CA ARG A 194 7.65 -1.73 -19.93
C ARG A 194 6.51 -2.75 -19.88
N ILE A 195 6.86 -3.99 -19.55
CA ILE A 195 5.86 -5.04 -19.33
C ILE A 195 5.45 -5.03 -17.86
N TYR A 196 4.13 -4.97 -17.60
CA TYR A 196 3.58 -4.90 -16.27
C TYR A 196 2.48 -5.94 -16.11
N THR A 197 2.54 -6.73 -15.05
CA THR A 197 1.54 -7.78 -14.80
C THR A 197 1.34 -7.91 -13.29
N HIS A 198 0.41 -8.78 -12.90
CA HIS A 198 0.27 -9.10 -11.49
C HIS A 198 1.57 -9.66 -10.91
N GLN A 199 2.33 -10.41 -11.72
CA GLN A 199 3.60 -10.96 -11.26
C GLN A 199 4.71 -9.91 -11.21
N SER A 200 4.54 -8.79 -11.90
CA SER A 200 5.49 -7.68 -11.75
C SER A 200 5.20 -7.02 -10.39
N ASP A 201 3.93 -6.99 -10.02
CA ASP A 201 3.53 -6.43 -8.70
C ASP A 201 4.13 -7.31 -7.59
N VAL A 202 4.23 -8.62 -7.84
CA VAL A 202 4.80 -9.57 -6.83
C VAL A 202 6.27 -9.16 -6.58
N TRP A 203 6.99 -8.80 -7.63
CA TRP A 203 8.35 -8.29 -7.43
C TRP A 203 8.36 -7.09 -6.50
N SER A 204 7.46 -6.13 -6.74
CA SER A 204 7.40 -4.94 -5.88
C SER A 204 6.98 -5.30 -4.46
N TYR A 205 6.09 -6.28 -4.31
CA TYR A 205 5.77 -6.81 -2.99
C TYR A 205 7.03 -7.25 -2.26
N GLY A 206 7.86 -8.06 -2.94
CA GLY A 206 9.14 -8.47 -2.35
C GLY A 206 9.96 -7.30 -1.86
N VAL A 207 10.03 -6.22 -2.66
CA VAL A 207 10.81 -5.07 -2.25
C VAL A 207 10.17 -4.38 -1.05
N THR A 208 8.84 -4.27 -1.06
CA THR A 208 8.14 -3.65 0.05
C THR A 208 8.39 -4.42 1.35
N VAL A 209 8.41 -5.76 1.28
CA VAL A 209 8.69 -6.57 2.47
C VAL A 209 10.10 -6.29 2.99
N TRP A 210 11.07 -6.20 2.07
CA TRP A 210 12.43 -5.86 2.46
C TRP A 210 12.47 -4.51 3.18
N GLU A 211 11.69 -3.53 2.70
CA GLU A 211 11.65 -2.26 3.41
C GLU A 211 11.18 -2.45 4.85
N LEU A 212 10.17 -3.29 5.07
CA LEU A 212 9.63 -3.45 6.42
C LEU A 212 10.62 -4.16 7.31
N MET A 213 11.25 -5.24 6.81
CA MET A 213 12.15 -6.05 7.63
C MET A 213 13.46 -5.34 7.94
N THR A 214 13.80 -4.32 7.18
CA THR A 214 14.92 -3.44 7.53
C THR A 214 14.47 -2.19 8.27
N PHE A 215 13.23 -2.16 8.74
CA PHE A 215 12.69 -0.98 9.44
C PHE A 215 12.84 0.30 8.61
N GLY A 216 12.68 0.15 7.29
CA GLY A 216 12.61 1.30 6.42
C GLY A 216 13.90 1.73 5.75
N SER A 217 14.89 0.83 5.61
CA SER A 217 16.04 1.17 4.80
C SER A 217 15.63 1.46 3.35
N LYS A 218 16.47 2.26 2.67
CA LYS A 218 16.29 2.56 1.26
C LYS A 218 16.87 1.45 0.40
N PRO A 219 16.14 0.92 -0.56
CA PRO A 219 16.68 -0.14 -1.41
C PRO A 219 17.77 0.39 -2.33
N TYR A 220 18.84 -0.38 -2.45
CA TYR A 220 19.98 -0.03 -3.30
C TYR A 220 20.46 1.39 -3.00
N ASP A 221 20.68 1.67 -1.72
CA ASP A 221 21.03 3.03 -1.33
C ASP A 221 22.35 3.47 -1.97
N GLY A 222 22.34 4.67 -2.55
CA GLY A 222 23.51 5.21 -3.22
C GLY A 222 23.78 4.68 -4.60
N ILE A 223 22.91 3.84 -5.15
CA ILE A 223 23.08 3.29 -6.49
C ILE A 223 22.16 4.04 -7.44
N PRO A 224 22.69 4.77 -8.42
CA PRO A 224 21.82 5.53 -9.33
C PRO A 224 20.86 4.63 -10.08
N ALA A 225 19.63 5.15 -10.27
CA ALA A 225 18.59 4.37 -10.93
C ALA A 225 19.02 3.83 -12.28
N SER A 226 19.84 4.58 -13.01
CA SER A 226 20.27 4.15 -14.33
C SER A 226 21.08 2.85 -14.26
N GLU A 227 21.71 2.58 -13.13
CA GLU A 227 22.57 1.38 -13.03
C GLU A 227 21.79 0.18 -12.50
N ILE A 228 20.50 0.36 -12.18
CA ILE A 228 19.74 -0.70 -11.54
C ILE A 228 19.53 -1.88 -12.48
N SER A 229 19.08 -1.62 -13.72
CA SER A 229 18.81 -2.74 -14.63
C SER A 229 20.07 -3.57 -14.85
N SER A 230 21.24 -2.94 -14.81
CA SER A 230 22.51 -3.64 -15.03
C SER A 230 22.82 -4.58 -13.88
N ILE A 231 22.66 -4.09 -12.65
CA ILE A 231 22.91 -4.91 -11.47
C ILE A 231 21.99 -6.12 -11.45
N LEU A 232 20.69 -5.90 -11.67
CA LEU A 232 19.74 -7.01 -11.65
C LEU A 232 20.05 -8.04 -12.72
N GLU A 233 20.56 -7.60 -13.87
CA GLU A 233 20.81 -8.57 -14.97
C GLU A 233 22.00 -9.48 -14.57
N LYS A 234 22.95 -8.94 -13.80
CA LYS A 234 24.12 -9.72 -13.34
C LYS A 234 23.74 -10.71 -12.22
N GLY A 235 22.54 -10.61 -11.64
CA GLY A 235 22.07 -11.56 -10.63
C GLY A 235 22.03 -10.97 -9.24
N GLU A 236 22.39 -9.70 -9.11
CA GLU A 236 22.45 -9.09 -7.77
C GLU A 236 21.04 -8.79 -7.26
N ARG A 237 20.86 -8.92 -5.96
CA ARG A 237 19.55 -8.70 -5.34
C ARG A 237 19.76 -8.02 -4.00
N LEU A 238 18.67 -7.51 -3.44
CA LEU A 238 18.74 -6.91 -2.11
C LEU A 238 19.19 -7.98 -1.10
N PRO A 239 19.97 -7.61 -0.10
CA PRO A 239 20.55 -8.60 0.82
C PRO A 239 19.62 -9.00 1.97
N GLN A 240 19.96 -10.11 2.62
CA GLN A 240 19.13 -10.68 3.69
C GLN A 240 19.09 -9.74 4.90
N PRO A 241 17.92 -9.26 5.31
CA PRO A 241 17.87 -8.38 6.47
C PRO A 241 18.31 -9.10 7.72
N PRO A 242 18.99 -8.41 8.61
CA PRO A 242 19.50 -9.07 9.83
C PRO A 242 18.45 -9.86 10.61
N ILE A 243 17.21 -9.38 10.68
CA ILE A 243 16.21 -10.08 11.49
C ILE A 243 15.59 -11.28 10.80
N CYS A 244 15.84 -11.46 9.50
CA CYS A 244 15.13 -12.46 8.70
C CYS A 244 15.81 -13.82 8.78
N THR A 245 15.07 -14.84 9.23
CA THR A 245 15.50 -16.19 8.96
C THR A 245 15.54 -16.42 7.45
N ILE A 246 16.19 -17.51 7.06
CA ILE A 246 16.23 -17.88 5.65
C ILE A 246 14.83 -18.18 5.12
N ASP A 247 13.94 -18.71 5.95
CA ASP A 247 12.56 -18.93 5.52
C ASP A 247 11.95 -17.67 4.92
N VAL A 248 12.09 -16.54 5.62
CA VAL A 248 11.47 -15.30 5.19
C VAL A 248 12.21 -14.71 3.99
N TYR A 249 13.54 -14.71 4.04
CA TYR A 249 14.31 -14.13 2.94
C TYR A 249 14.16 -14.94 1.66
N MET A 250 14.00 -16.26 1.76
CA MET A 250 13.82 -17.08 0.58
C MET A 250 12.51 -16.73 -0.14
N ILE A 251 11.45 -16.41 0.62
CA ILE A 251 10.22 -15.91 0.00
C ILE A 251 10.48 -14.61 -0.72
N MET A 252 11.23 -13.72 -0.10
CA MET A 252 11.55 -12.46 -0.77
C MET A 252 12.33 -12.71 -2.06
N VAL A 253 13.28 -13.63 -2.03
CA VAL A 253 14.10 -13.91 -3.21
C VAL A 253 13.25 -14.48 -4.34
N LYS A 254 12.28 -15.34 -4.00
CA LYS A 254 11.39 -15.92 -5.00
C LYS A 254 10.60 -14.85 -5.74
N CYS A 255 10.31 -13.73 -5.09
CA CYS A 255 9.60 -12.64 -5.76
C CYS A 255 10.48 -11.93 -6.79
N TRP A 256 11.78 -12.20 -6.77
CA TRP A 256 12.74 -11.56 -7.66
C TRP A 256 13.33 -12.53 -8.68
N MET A 257 12.66 -13.64 -8.94
CA MET A 257 13.05 -14.53 -10.04
C MET A 257 12.89 -13.85 -11.39
N ILE A 258 13.78 -14.20 -12.32
CA ILE A 258 13.70 -13.61 -13.66
C ILE A 258 12.43 -14.06 -14.36
N ASP A 259 12.07 -15.34 -14.24
CA ASP A 259 10.85 -15.88 -14.84
C ASP A 259 9.64 -15.45 -14.02
N ALA A 260 8.81 -14.58 -14.60
CA ALA A 260 7.70 -13.98 -13.84
C ALA A 260 6.75 -15.04 -13.30
N ASP A 261 6.48 -16.08 -14.07
CA ASP A 261 5.58 -17.14 -13.63
C ASP A 261 6.20 -18.08 -12.62
N SER A 262 7.51 -17.96 -12.34
CA SER A 262 8.08 -18.71 -11.23
C SER A 262 7.90 -18.02 -9.89
N ARG A 263 7.60 -16.72 -9.87
CA ARG A 263 7.40 -16.01 -8.63
C ARG A 263 6.15 -16.53 -7.93
N PRO A 264 6.04 -16.32 -6.61
CA PRO A 264 4.80 -16.68 -5.91
C PRO A 264 3.61 -15.87 -6.43
N LYS A 265 2.43 -16.45 -6.26
CA LYS A 265 1.17 -15.72 -6.37
C LYS A 265 0.83 -15.08 -5.03
N PHE A 266 0.10 -13.97 -5.08
CA PHE A 266 -0.34 -13.32 -3.85
C PHE A 266 -1.12 -14.28 -2.96
N ARG A 267 -1.98 -15.13 -3.55
CA ARG A 267 -2.72 -16.06 -2.71
C ARG A 267 -1.80 -17.06 -2.01
N GLU A 268 -0.64 -17.38 -2.63
CA GLU A 268 0.35 -18.21 -1.93
C GLU A 268 1.11 -17.41 -0.86
N LEU A 269 1.37 -16.12 -1.11
CA LEU A 269 2.03 -15.29 -0.10
C LEU A 269 1.17 -15.13 1.16
N ILE A 270 -0.14 -14.93 0.99
CA ILE A 270 -1.05 -14.95 2.15
C ILE A 270 -0.85 -16.22 2.96
N ILE A 271 -0.89 -17.37 2.29
CA ILE A 271 -0.77 -18.65 2.99
C ILE A 271 0.55 -18.72 3.75
N GLU A 272 1.68 -18.50 3.06
CA GLU A 272 2.98 -18.69 3.72
C GLU A 272 3.20 -17.73 4.87
N PHE A 273 2.85 -16.46 4.69
CA PHE A 273 3.06 -15.51 5.78
C PHE A 273 2.06 -15.73 6.92
N SER A 274 0.91 -16.33 6.63
CA SER A 274 -0.05 -16.68 7.68
C SER A 274 0.54 -17.79 8.56
N LYS A 275 1.10 -18.82 7.92
CA LYS A 275 1.73 -19.89 8.68
C LYS A 275 2.77 -19.32 9.61
N MET A 276 3.62 -18.43 9.10
CA MET A 276 4.69 -17.88 9.91
C MET A 276 4.15 -16.97 11.01
N ALA A 277 3.05 -16.26 10.75
CA ALA A 277 2.46 -15.41 11.78
C ALA A 277 1.92 -16.20 12.96
N ARG A 278 1.71 -17.50 12.82
CA ARG A 278 1.25 -18.33 13.96
C ARG A 278 2.42 -18.62 14.93
N ASP A 279 3.66 -18.44 14.49
CA ASP A 279 4.81 -18.65 15.38
C ASP A 279 5.88 -17.63 15.02
N PRO A 280 5.62 -16.34 15.27
CA PRO A 280 6.44 -15.29 14.63
C PRO A 280 7.90 -15.33 15.04
N GLN A 281 8.21 -15.74 16.26
CA GLN A 281 9.60 -15.67 16.73
C GLN A 281 10.44 -16.79 16.14
N ARG A 282 9.80 -17.80 15.55
CA ARG A 282 10.50 -18.79 14.75
C ARG A 282 10.95 -18.23 13.41
N TYR A 283 10.38 -17.12 12.94
CA TYR A 283 10.69 -16.65 11.59
C TYR A 283 11.33 -15.26 11.52
N LEU A 284 11.18 -14.42 12.54
CA LEU A 284 11.91 -13.17 12.63
C LEU A 284 12.63 -13.11 13.98
N VAL A 285 13.87 -12.64 13.99
CA VAL A 285 14.66 -12.63 15.21
C VAL A 285 14.95 -11.18 15.57
N ILE A 286 14.19 -10.66 16.54
CA ILE A 286 14.20 -9.23 16.90
C ILE A 286 14.53 -9.15 18.40
N GLN A 287 15.58 -8.39 18.72
CA GLN A 287 15.98 -8.20 20.13
C GLN A 287 14.86 -7.50 20.91
N GLY A 288 14.27 -8.13 21.91
CA GLY A 288 13.25 -7.45 22.72
C GLY A 288 11.84 -7.89 22.42
N ASP A 289 11.68 -8.92 21.60
CA ASP A 289 10.33 -9.38 21.19
C ASP A 289 9.53 -9.84 22.42
N ASP A 311 -16.81 17.18 19.25
CA ASP A 311 -16.20 16.49 18.07
C ASP A 311 -15.81 15.07 18.47
N MET A 312 -16.63 14.41 19.28
CA MET A 312 -16.31 13.00 19.59
C MET A 312 -17.61 12.24 19.75
N ASP A 313 -18.73 12.96 19.85
CA ASP A 313 -19.99 12.23 20.14
C ASP A 313 -20.48 11.48 18.89
N ASP A 314 -20.38 12.10 17.72
CA ASP A 314 -20.98 11.49 16.51
C ASP A 314 -19.90 10.99 15.54
N VAL A 315 -18.69 10.76 16.04
CA VAL A 315 -17.58 10.34 15.14
C VAL A 315 -17.77 8.89 14.73
N VAL A 316 -17.75 8.62 13.43
CA VAL A 316 -17.86 7.23 12.90
C VAL A 316 -16.69 7.02 11.94
N ASP A 317 -16.01 5.89 12.05
CA ASP A 317 -14.93 5.57 11.07
C ASP A 317 -15.59 5.22 9.74
N ALA A 318 -14.96 5.58 8.63
CA ALA A 318 -15.52 5.31 7.30
C ALA A 318 -15.85 3.83 7.14
N ASP A 319 -15.09 2.95 7.79
CA ASP A 319 -15.31 1.48 7.68
C ASP A 319 -16.64 1.08 8.33
N GLU A 320 -17.22 1.92 9.18
CA GLU A 320 -18.55 1.62 9.77
C GLU A 320 -19.61 2.54 9.12
N TYR A 321 -19.21 3.31 8.11
CA TYR A 321 -20.17 4.20 7.38
C TYR A 321 -20.38 3.61 5.99
N LEU A 322 -21.48 2.88 5.84
CA LEU A 322 -21.76 2.19 4.56
C LEU A 322 -23.09 2.73 4.00
C10 A1CEL B . -5.53 8.66 3.80
C12 A1CEL B . -3.83 9.60 5.08
C13 A1CEL B . -3.26 9.92 6.41
C14 A1CEL B . -2.01 10.61 6.51
C16 A1CEL B . -2.15 11.17 8.81
C17 A1CEL B . -1.38 10.93 5.36
C19 A1CEL B . 1.01 10.98 5.31
C21 A1CEL B . 2.32 12.84 4.10
C02 A1CEL B . -5.82 10.00 -1.22
C03 A1CEL B . -5.29 9.20 -2.15
C04 A1CEL B . -4.07 8.64 -1.95
C05 A1CEL B . -3.34 8.92 -0.70
C06 A1CEL B . -3.88 9.74 0.24
C08 A1CEL B . -3.77 9.62 2.72
C22 A1CEL B . 1.94 12.28 2.74
C23 A1CEL B . 3.84 13.10 3.94
C25 A1CEL B . 4.65 14.75 5.07
C26 A1CEL B . 3.91 13.06 6.21
C27 A1CEL B . 3.08 11.77 6.04
C29 A1CEL B . -1.92 10.65 4.08
C30 A1CEL B . -3.19 9.95 3.99
C31 A1CEL B . -5.09 10.29 0.03
F32 A1CEL B . -5.69 11.15 0.99
N07 A1CEL B . -3.13 9.97 1.42
N09 A1CEL B . -4.88 9.01 2.69
N11 A1CEL B . -5.04 8.94 4.99
N20 A1CEL B . 1.95 11.96 5.21
N24 A1CEL B . 4.50 13.46 5.04
O15 A1CEL B . -1.36 10.96 7.75
O18 A1CEL B . -0.21 11.60 5.45
O28 A1CEL B . 1.20 9.81 5.30
CL01 A1CEL B . -7.40 10.73 -1.46
H101 A1CEL B . -6.49 8.13 3.69
H131 A1CEL B . -3.80 9.64 7.28
H161 A1CEL B . -1.59 11.65 9.56
H163 A1CEL B . -2.52 10.18 9.22
H162 A1CEL B . -2.98 11.78 8.54
H211 A1CEL B . 1.83 13.81 4.22
H031 A1CEL B . -5.87 8.98 -3.13
H041 A1CEL B . -3.65 8.01 -2.68
H051 A1CEL B . -2.33 8.48 -0.52
H223 A1CEL B . 2.76 11.57 2.39
H221 A1CEL B . 1.86 13.05 2.07
H222 A1CEL B . 0.95 11.76 2.86
H232 A1CEL B . 3.96 13.90 3.16
H231 A1CEL B . 4.32 12.19 3.57
H252 A1CEL B . 5.04 15.05 6.10
H253 A1CEL B . 3.70 15.22 4.89
H251 A1CEL B . 5.34 15.03 4.33
H262 A1CEL B . 3.28 13.84 6.59
H261 A1CEL B . 4.68 12.87 6.91
H272 A1CEL B . 2.73 11.46 7.03
H271 A1CEL B . 3.72 10.96 5.61
H291 A1CEL B . -1.34 10.96 3.13
H071 A1CEL B . -2.16 10.01 1.35
#